data_2AU6
#
_entry.id   2AU6
#
_cell.length_a   110.805
_cell.length_b   110.805
_cell.length_c   73.576
_cell.angle_alpha   90.00
_cell.angle_beta   90.00
_cell.angle_gamma   120.00
#
_symmetry.space_group_name_H-M   'H 3 2'
#
loop_
_entity.id
_entity.type
_entity.pdbx_description
1 polymer 'Inorganic pyrophosphatase'
2 non-polymer 'PHOSPHATE ION'
3 non-polymer 'MANGANESE (II) ION'
4 non-polymer 'SODIUM ION'
5 non-polymer 'CHLORIDE ION'
6 non-polymer 'FLUORIDE ION'
7 non-polymer 'PYROPHOSPHATE 2-'
8 water water
#
_entity_poly.entity_id   1
_entity_poly.type   'polypeptide(L)'
_entity_poly.pdbx_seq_one_letter_code
;SLLNVPAGKDLPEDIYVVIEIPANADPIKYEIDKESGALFVDRFMSTAMFYPCNYGYINHTLSLDGDPVDVLVPTPYPLQ
PGSVTRCRPVGVLKMTDEAGEDAKLVAVPHSKLSKEYDHIKDVNDLPELLKAQIAHFFEHYKDLEKGKWVKVEGWENAEA
AKAEIVASFERAKNK
;
_entity_poly.pdbx_strand_id   A
#
loop_
_chem_comp.id
_chem_comp.type
_chem_comp.name
_chem_comp.formula
CL non-polymer 'CHLORIDE ION' 'Cl -1'
F non-polymer 'FLUORIDE ION' 'F -1'
MN non-polymer 'MANGANESE (II) ION' 'Mn 2'
NA non-polymer 'SODIUM ION' 'Na 1'
PO4 non-polymer 'PHOSPHATE ION' 'O4 P -3'
POP non-polymer 'PYROPHOSPHATE 2-' 'H2 O7 P2 -2'
#
# COMPACT_ATOMS: atom_id res chain seq x y z
N SER A 1 -12.37 12.53 -11.86
N SER A 1 -12.57 11.01 -11.65
CA SER A 1 -11.92 11.15 -11.90
CA SER A 1 -12.22 9.61 -11.55
C SER A 1 -11.12 10.76 -10.67
C SER A 1 -11.18 9.43 -10.45
N LEU A 2 -10.79 9.48 -10.54
N LEU A 2 -10.74 8.19 -10.19
CA LEU A 2 -9.92 8.87 -9.52
CA LEU A 2 -9.71 7.90 -9.21
C LEU A 2 -8.51 9.41 -9.73
C LEU A 2 -8.41 8.51 -9.64
N LEU A 3 -8.28 9.82 -10.98
N LEU A 3 -8.31 8.81 -10.92
CA LEU A 3 -7.11 10.64 -11.25
CA LEU A 3 -7.08 9.42 -11.42
C LEU A 3 -7.22 12.00 -10.57
C LEU A 3 -6.82 10.81 -10.83
N ASN A 4 -8.44 12.39 -10.22
N ASN A 4 -7.88 11.47 -10.38
CA ASN A 4 -8.54 13.63 -9.44
CA ASN A 4 -7.87 12.82 -9.91
C ASN A 4 -8.17 13.28 -8.01
C ASN A 4 -7.80 13.06 -8.41
N VAL A 5 -7.77 12.02 -7.62
CA VAL A 5 -7.71 12.02 -6.15
C VAL A 5 -6.37 12.59 -5.75
N PRO A 6 -6.30 13.49 -4.77
CA PRO A 6 -4.98 14.00 -4.34
C PRO A 6 -4.17 12.90 -3.67
N ALA A 7 -2.87 13.12 -3.63
CA ALA A 7 -2.00 12.25 -2.83
C ALA A 7 -2.40 12.34 -1.38
N GLY A 8 -2.83 13.50 -0.95
CA GLY A 8 -3.17 13.69 0.43
C GLY A 8 -3.52 15.12 0.74
N LYS A 9 -4.21 15.34 1.84
CA LYS A 9 -4.51 16.67 2.34
C LYS A 9 -3.24 17.39 2.83
N ASP A 10 -2.32 16.66 3.38
CA ASP A 10 -1.08 17.24 3.90
C ASP A 10 0.02 16.17 3.99
N LEU A 11 0.59 15.86 2.82
CA LEU A 11 1.66 14.88 2.74
C LEU A 11 2.84 15.34 3.57
N PRO A 12 3.59 14.46 4.19
CA PRO A 12 3.38 13.02 4.25
C PRO A 12 2.55 12.50 5.43
N GLU A 13 2.13 13.34 6.36
CA GLU A 13 1.42 12.89 7.53
C GLU A 13 -0.05 12.53 7.30
N ASP A 14 -0.66 13.14 6.28
CA ASP A 14 -2.11 13.04 6.05
C ASP A 14 -2.26 12.72 4.59
N ILE A 15 -2.55 11.45 4.33
CA ILE A 15 -2.57 10.95 2.95
C ILE A 15 -3.93 10.34 2.61
N TYR A 16 -4.15 10.18 1.31
CA TYR A 16 -5.25 9.35 0.82
C TYR A 16 -4.68 8.09 0.16
N VAL A 17 -5.35 6.96 0.46
CA VAL A 17 -4.96 5.70 -0.12
C VAL A 17 -6.12 5.18 -0.97
N VAL A 18 -5.84 4.94 -2.26
CA VAL A 18 -6.76 4.31 -3.18
C VAL A 18 -6.61 2.81 -2.97
N ILE A 19 -7.70 2.11 -2.64
CA ILE A 19 -7.72 0.70 -2.38
C ILE A 19 -7.93 -0.12 -3.66
N GLU A 20 -7.07 -1.07 -3.91
CA GLU A 20 -7.22 -2.02 -5.00
C GLU A 20 -7.69 -3.38 -4.56
N ILE A 21 -7.28 -3.88 -3.42
CA ILE A 21 -7.54 -5.23 -2.96
C ILE A 21 -8.03 -5.17 -1.52
N PRO A 22 -9.18 -5.69 -1.18
CA PRO A 22 -9.63 -5.66 0.20
C PRO A 22 -8.83 -6.61 1.09
N ALA A 23 -8.83 -6.35 2.39
CA ALA A 23 -8.34 -7.33 3.33
C ALA A 23 -9.09 -8.61 3.22
N ASN A 24 -8.47 -9.73 3.50
CA ASN A 24 -8.97 -11.07 3.58
C ASN A 24 -9.97 -11.46 2.50
N ALA A 25 -9.47 -11.14 1.33
CA ALA A 25 -10.20 -11.32 0.06
C ALA A 25 -9.65 -12.51 -0.69
N ASP A 26 -10.31 -12.86 -1.78
CA ASP A 26 -9.87 -13.87 -2.74
C ASP A 26 -8.57 -13.36 -3.37
N PRO A 27 -7.75 -14.30 -3.85
CA PRO A 27 -6.44 -13.89 -4.40
C PRO A 27 -6.49 -13.42 -5.84
N ILE A 28 -7.20 -12.30 -6.08
CA ILE A 28 -7.29 -11.59 -7.36
C ILE A 28 -6.52 -10.27 -7.15
N LYS A 29 -5.45 -10.11 -7.90
CA LYS A 29 -4.58 -8.97 -7.79
C LYS A 29 -5.12 -7.93 -8.75
N TYR A 30 -5.94 -7.02 -8.30
CA TYR A 30 -6.41 -5.89 -9.11
C TYR A 30 -5.41 -4.73 -9.09
N GLU A 31 -5.34 -3.97 -10.20
CA GLU A 31 -4.56 -2.76 -10.27
C GLU A 31 -5.35 -1.73 -11.05
N ILE A 32 -5.36 -0.48 -10.59
CA ILE A 32 -5.96 0.61 -11.34
C ILE A 32 -5.09 0.94 -12.55
N ASP A 33 -5.79 0.98 -13.70
CA ASP A 33 -5.20 1.40 -14.93
C ASP A 33 -5.01 2.91 -14.98
N LYS A 34 -3.77 3.27 -15.21
CA LYS A 34 -3.56 4.75 -15.27
C LYS A 34 -4.22 5.42 -16.46
N GLU A 35 -4.61 4.71 -17.55
CA GLU A 35 -5.16 5.53 -18.65
C GLU A 35 -6.64 5.75 -18.38
N SER A 36 -7.32 4.68 -17.99
CA SER A 36 -8.77 4.75 -17.88
C SER A 36 -9.26 4.99 -16.45
N GLY A 37 -8.49 4.75 -15.42
CA GLY A 37 -8.87 4.78 -14.00
C GLY A 37 -9.67 3.55 -13.61
N ALA A 38 -9.82 2.59 -14.50
CA ALA A 38 -10.60 1.38 -14.16
C ALA A 38 -9.72 0.36 -13.45
N LEU A 39 -10.43 -0.49 -12.67
CA LEU A 39 -9.76 -1.60 -11.99
C LEU A 39 -9.59 -2.74 -12.95
N PHE A 40 -8.39 -3.15 -13.24
CA PHE A 40 -8.05 -4.27 -14.09
C PHE A 40 -7.54 -5.41 -13.22
N VAL A 41 -7.81 -6.63 -13.69
CA VAL A 41 -7.14 -7.81 -13.08
C VAL A 41 -5.70 -7.91 -13.57
N ASP A 42 -4.75 -7.76 -12.65
CA ASP A 42 -3.35 -7.96 -13.05
C ASP A 42 -2.97 -9.43 -13.10
N ARG A 43 -3.46 -10.18 -12.10
CA ARG A 43 -3.15 -11.57 -11.94
C ARG A 43 -4.18 -12.27 -11.09
N PHE A 44 -4.39 -13.52 -11.38
CA PHE A 44 -4.98 -14.46 -10.39
C PHE A 44 -3.80 -15.11 -9.73
N MET A 45 -3.58 -14.83 -8.43
CA MET A 45 -2.42 -15.32 -7.73
C MET A 45 -2.52 -16.82 -7.63
N SER A 46 -1.40 -17.50 -7.71
CA SER A 46 -1.19 -18.90 -7.79
C SER A 46 -1.08 -19.54 -6.40
N THR A 47 -0.60 -18.82 -5.40
CA THR A 47 -0.50 -19.35 -4.04
C THR A 47 -1.81 -19.15 -3.31
N ALA A 48 -2.05 -20.00 -2.30
CA ALA A 48 -3.20 -19.90 -1.45
C ALA A 48 -2.97 -18.91 -0.31
N MET A 49 -2.80 -17.65 -0.68
CA MET A 49 -2.50 -16.58 0.25
C MET A 49 -3.42 -15.41 0.01
N PHE A 50 -3.59 -14.60 1.05
CA PHE A 50 -4.43 -13.42 0.93
C PHE A 50 -3.69 -12.21 1.50
N TYR A 51 -4.00 -11.00 0.97
CA TYR A 51 -3.39 -9.79 1.45
C TYR A 51 -3.83 -9.61 2.95
N PRO A 52 -2.87 -9.40 3.89
CA PRO A 52 -3.25 -9.33 5.28
C PRO A 52 -4.00 -8.07 5.71
N CYS A 53 -3.96 -7.03 4.89
CA CYS A 53 -4.65 -5.76 5.12
C CYS A 53 -5.22 -5.36 3.75
N ASN A 54 -6.09 -4.36 3.79
CA ASN A 54 -6.44 -3.70 2.50
C ASN A 54 -5.15 -3.18 1.86
N TYR A 55 -5.13 -3.22 0.52
CA TYR A 55 -3.91 -2.93 -0.22
C TYR A 55 -4.22 -1.95 -1.36
N GLY A 56 -3.36 -0.97 -1.54
CA GLY A 56 -3.52 -0.03 -2.64
C GLY A 56 -2.33 0.90 -2.77
N TYR A 57 -2.56 2.16 -3.03
CA TYR A 57 -1.49 3.09 -3.37
C TYR A 57 -1.86 4.51 -3.05
N ILE A 58 -0.83 5.37 -3.04
CA ILE A 58 -1.02 6.81 -2.97
C ILE A 58 -0.97 7.39 -4.39
N ASN A 59 -2.04 8.07 -4.80
CA ASN A 59 -2.06 8.67 -6.13
C ASN A 59 -0.97 9.74 -6.25
N HIS A 60 -0.52 9.95 -7.51
CA HIS A 60 0.42 10.97 -7.81
C HIS A 60 1.77 10.72 -7.12
N THR A 61 2.15 9.47 -7.01
CA THR A 61 3.44 9.03 -6.54
C THR A 61 4.00 7.99 -7.52
N LEU A 62 5.30 7.71 -7.37
CA LEU A 62 5.93 6.67 -8.14
C LEU A 62 7.09 6.04 -7.35
N SER A 63 7.01 4.73 -7.26
CA SER A 63 8.10 3.92 -6.74
C SER A 63 9.04 3.53 -7.87
N LEU A 64 10.16 2.92 -7.56
CA LEU A 64 11.09 2.52 -8.59
C LEU A 64 10.61 1.34 -9.38
N ASP A 65 9.56 0.66 -8.91
CA ASP A 65 8.97 -0.39 -9.71
C ASP A 65 8.09 0.17 -10.84
N GLY A 66 7.96 1.50 -10.99
CA GLY A 66 7.17 2.11 -12.05
C GLY A 66 5.67 2.39 -11.79
N ASP A 67 5.25 2.05 -10.61
CA ASP A 67 3.87 2.24 -10.16
C ASP A 67 3.83 3.09 -8.92
N PRO A 68 2.69 3.70 -8.62
CA PRO A 68 2.53 4.46 -7.37
C PRO A 68 2.90 3.63 -6.15
N VAL A 69 3.39 4.35 -5.10
CA VAL A 69 3.86 3.67 -3.89
C VAL A 69 2.73 2.92 -3.22
N ASP A 70 3.09 1.73 -2.74
CA ASP A 70 2.14 0.78 -2.22
C ASP A 70 1.87 0.99 -0.73
N VAL A 71 0.61 0.74 -0.33
CA VAL A 71 0.17 0.93 1.03
C VAL A 71 -0.73 -0.24 1.46
N LEU A 72 -0.48 -0.66 2.69
CA LEU A 72 -1.34 -1.58 3.46
C LEU A 72 -2.09 -0.74 4.51
N VAL A 73 -3.39 -0.92 4.58
CA VAL A 73 -4.26 -0.17 5.49
C VAL A 73 -5.06 -1.14 6.34
N PRO A 74 -4.73 -1.30 7.62
CA PRO A 74 -5.59 -2.11 8.46
C PRO A 74 -6.90 -1.41 8.77
N THR A 75 -8.01 -2.11 8.76
CA THR A 75 -9.32 -1.58 9.10
C THR A 75 -10.12 -2.64 9.84
N PRO A 76 -11.20 -2.19 10.52
CA PRO A 76 -11.99 -3.20 11.22
C PRO A 76 -12.80 -4.08 10.33
N TYR A 77 -13.10 -3.58 9.12
CA TYR A 77 -13.91 -4.30 8.15
C TYR A 77 -13.30 -4.09 6.75
N PRO A 78 -13.29 -5.03 5.86
CA PRO A 78 -12.63 -4.83 4.55
C PRO A 78 -13.23 -3.70 3.73
N LEU A 79 -12.37 -2.99 3.02
CA LEU A 79 -12.77 -1.90 2.15
C LEU A 79 -13.12 -2.37 0.76
N GLN A 80 -13.86 -1.51 0.07
CA GLN A 80 -14.27 -1.75 -1.31
C GLN A 80 -13.16 -1.47 -2.30
N PRO A 81 -12.86 -2.33 -3.27
CA PRO A 81 -11.90 -1.95 -4.32
C PRO A 81 -12.38 -0.70 -5.02
N GLY A 82 -11.47 0.23 -5.24
CA GLY A 82 -11.76 1.49 -5.84
C GLY A 82 -12.17 2.61 -4.90
N SER A 83 -12.28 2.29 -3.63
CA SER A 83 -12.61 3.31 -2.63
C SER A 83 -11.30 4.01 -2.15
N VAL A 84 -11.46 5.12 -1.49
CA VAL A 84 -10.36 5.95 -0.98
C VAL A 84 -10.51 6.13 0.51
N THR A 85 -9.41 5.97 1.25
CA THR A 85 -9.39 6.17 2.69
C THR A 85 -8.28 7.12 3.06
N ARG A 86 -8.64 8.10 3.93
CA ARG A 86 -7.69 9.02 4.57
C ARG A 86 -6.96 8.30 5.67
N CYS A 87 -5.62 8.38 5.65
CA CYS A 87 -4.78 7.61 6.51
C CYS A 87 -3.56 8.41 7.02
N ARG A 88 -2.85 7.82 7.95
CA ARG A 88 -1.66 8.37 8.58
C ARG A 88 -0.60 7.30 8.52
N PRO A 89 0.57 7.54 7.97
CA PRO A 89 1.62 6.50 7.93
C PRO A 89 2.20 6.21 9.30
N VAL A 90 2.46 4.94 9.56
CA VAL A 90 3.05 4.48 10.83
C VAL A 90 4.28 3.59 10.71
N GLY A 91 4.62 3.14 9.50
CA GLY A 91 5.76 2.27 9.32
C GLY A 91 5.85 1.84 7.90
N VAL A 92 6.94 1.11 7.59
CA VAL A 92 7.20 0.68 6.21
C VAL A 92 7.98 -0.62 6.23
N LEU A 93 7.59 -1.54 5.36
CA LEU A 93 8.36 -2.71 5.07
C LEU A 93 9.17 -2.47 3.81
N LYS A 94 10.46 -2.35 3.99
CA LYS A 94 11.35 -2.15 2.87
C LYS A 94 11.56 -3.48 2.17
N MET A 95 11.46 -3.49 0.83
CA MET A 95 11.61 -4.68 0.05
C MET A 95 11.81 -4.29 -1.40
N THR A 96 12.31 -5.22 -2.16
CA THR A 96 12.50 -5.16 -3.57
C THR A 96 11.82 -6.28 -4.29
N ASP A 97 11.25 -6.06 -5.48
CA ASP A 97 10.77 -7.25 -6.22
C ASP A 97 11.34 -7.17 -7.61
N GLU A 98 10.87 -8.05 -8.52
CA GLU A 98 11.49 -8.16 -9.84
C GLU A 98 11.38 -6.85 -10.64
N ALA A 99 10.43 -5.98 -10.27
CA ALA A 99 10.20 -4.72 -11.00
C ALA A 99 11.02 -3.57 -10.40
N GLY A 100 11.62 -3.72 -9.23
CA GLY A 100 12.44 -2.66 -8.63
C GLY A 100 12.16 -2.56 -7.13
N GLU A 101 12.80 -1.55 -6.55
CA GLU A 101 12.54 -1.26 -5.12
C GLU A 101 11.07 -0.94 -5.03
N ASP A 102 10.46 -1.48 -3.93
CA ASP A 102 9.03 -1.61 -3.89
C ASP A 102 8.53 -1.67 -2.48
N ALA A 103 8.80 -0.60 -1.71
CA ALA A 103 8.42 -0.57 -0.29
C ALA A 103 6.92 -0.72 -0.10
N LYS A 104 6.55 -1.25 1.05
CA LYS A 104 5.15 -1.39 1.43
C LYS A 104 4.92 -0.52 2.69
N LEU A 105 4.29 0.63 2.46
CA LEU A 105 3.90 1.50 3.58
C LEU A 105 2.78 0.82 4.38
N VAL A 106 2.73 1.08 5.68
CA VAL A 106 1.58 0.77 6.49
C VAL A 106 1.03 2.11 6.98
N ALA A 107 -0.24 2.37 6.72
CA ALA A 107 -0.91 3.61 7.10
C ALA A 107 -2.25 3.24 7.72
N VAL A 108 -2.58 3.84 8.84
CA VAL A 108 -3.80 3.52 9.56
C VAL A 108 -4.89 4.60 9.27
N PRO A 109 -6.15 4.22 9.38
CA PRO A 109 -7.20 5.21 9.21
C PRO A 109 -6.96 6.45 10.10
N HIS A 110 -7.12 7.61 9.47
CA HIS A 110 -6.97 8.88 10.12
C HIS A 110 -7.93 9.03 11.26
N SER A 111 -7.53 9.79 12.27
CA SER A 111 -8.30 10.00 13.49
C SER A 111 -9.70 10.51 13.23
N LYS A 112 -9.96 11.24 12.21
CA LYS A 112 -11.19 11.83 11.78
C LYS A 112 -12.13 10.73 11.33
N LEU A 113 -11.62 9.58 10.86
CA LEU A 113 -12.44 8.46 10.43
C LEU A 113 -12.75 7.51 11.57
N SER A 114 -11.89 7.40 12.58
CA SER A 114 -12.02 6.55 13.71
C SER A 114 -11.00 6.87 14.78
N LYS A 115 -11.32 6.64 16.05
CA LYS A 115 -10.25 6.74 17.06
C LYS A 115 -9.50 5.42 17.23
N GLU A 116 -9.83 4.34 16.59
CA GLU A 116 -9.43 3.00 16.77
C GLU A 116 -7.93 2.94 16.71
N TYR A 117 -7.36 3.61 15.70
CA TYR A 117 -5.91 3.47 15.47
C TYR A 117 -5.09 4.59 16.00
N ASP A 118 -5.69 5.50 16.76
CA ASP A 118 -4.90 6.61 17.31
C ASP A 118 -3.72 6.13 18.14
N HIS A 119 -3.88 5.00 18.85
CA HIS A 119 -2.82 4.50 19.72
C HIS A 119 -1.66 3.96 18.91
N ILE A 120 -1.82 3.76 17.62
CA ILE A 120 -0.71 3.33 16.76
C ILE A 120 0.03 4.55 16.26
N LYS A 121 1.17 4.84 16.94
CA LYS A 121 1.93 6.06 16.67
C LYS A 121 3.12 5.75 15.77
N ASP A 122 3.67 4.58 15.88
CA ASP A 122 4.89 4.20 15.19
C ASP A 122 4.93 2.66 15.01
N VAL A 123 5.94 2.19 14.30
CA VAL A 123 5.93 0.79 13.86
C VAL A 123 5.89 -0.19 14.99
N ASN A 124 6.51 0.14 16.12
CA ASN A 124 6.48 -0.82 17.21
C ASN A 124 5.13 -0.94 17.86
N ASP A 125 4.18 -0.02 17.57
CA ASP A 125 2.83 -0.16 18.07
C ASP A 125 1.98 -1.08 17.19
N LEU A 126 2.46 -1.44 15.98
CA LEU A 126 1.71 -2.45 15.24
C LEU A 126 1.87 -3.79 15.88
N PRO A 127 0.82 -4.64 15.86
CA PRO A 127 0.98 -5.95 16.45
C PRO A 127 2.12 -6.71 15.80
N GLU A 128 2.90 -7.39 16.64
CA GLU A 128 3.98 -8.20 16.04
C GLU A 128 3.50 -9.26 15.10
N LEU A 129 2.37 -9.88 15.44
CA LEU A 129 1.84 -10.92 14.54
C LEU A 129 1.52 -10.38 13.18
N LEU A 130 0.91 -9.21 13.15
CA LEU A 130 0.53 -8.57 11.86
C LEU A 130 1.76 -8.29 11.01
N LYS A 131 2.78 -7.68 11.64
CA LYS A 131 4.01 -7.39 10.90
C LYS A 131 4.66 -8.65 10.38
N ALA A 132 4.65 -9.72 11.18
CA ALA A 132 5.21 -11.02 10.75
C ALA A 132 4.43 -11.60 9.58
N GLN A 133 3.11 -11.48 9.67
CA GLN A 133 2.21 -11.99 8.62
C GLN A 133 2.42 -11.25 7.30
N ILE A 134 2.57 -9.91 7.38
CA ILE A 134 2.81 -9.08 6.17
C ILE A 134 4.11 -9.46 5.53
N ALA A 135 5.19 -9.51 6.34
CA ALA A 135 6.49 -9.89 5.75
C ALA A 135 6.42 -11.28 5.16
N HIS A 136 5.80 -12.24 5.82
CA HIS A 136 5.68 -13.60 5.28
C HIS A 136 4.89 -13.63 3.96
N PHE A 137 3.79 -12.86 3.90
CA PHE A 137 3.02 -12.77 2.67
C PHE A 137 3.88 -12.33 1.50
N PHE A 138 4.59 -11.19 1.64
CA PHE A 138 5.36 -10.67 0.53
C PHE A 138 6.55 -11.61 0.20
N GLU A 139 7.08 -12.30 1.21
CA GLU A 139 8.16 -13.28 0.94
C GLU A 139 7.70 -14.46 0.10
N HIS A 140 6.41 -14.84 0.18
CA HIS A 140 5.96 -16.11 -0.41
C HIS A 140 4.88 -15.99 -1.47
N TYR A 141 4.18 -14.89 -1.62
CA TYR A 141 2.99 -14.91 -2.47
C TYR A 141 3.34 -15.11 -3.96
N LYS A 142 4.60 -14.82 -4.33
CA LYS A 142 5.06 -15.02 -5.71
C LYS A 142 5.82 -16.34 -5.88
N ASP A 143 5.76 -17.24 -4.93
CA ASP A 143 6.54 -18.42 -4.97
C ASP A 143 6.20 -19.35 -6.17
N LEU A 144 5.00 -19.30 -6.71
CA LEU A 144 4.63 -20.14 -7.83
C LEU A 144 4.49 -19.38 -9.13
N GLU A 145 4.97 -18.14 -9.21
CA GLU A 145 4.98 -17.31 -10.39
C GLU A 145 6.41 -17.15 -10.89
N LYS A 146 6.73 -17.87 -11.99
CA LYS A 146 8.12 -17.90 -12.47
C LYS A 146 8.61 -16.52 -12.88
N GLY A 147 9.76 -16.11 -12.45
CA GLY A 147 10.34 -14.81 -12.81
C GLY A 147 9.84 -13.66 -11.95
N LYS A 148 8.96 -13.95 -10.98
CA LYS A 148 8.52 -12.96 -10.04
C LYS A 148 9.09 -13.36 -8.68
N TRP A 149 9.56 -12.37 -7.94
CA TRP A 149 10.28 -12.69 -6.69
C TRP A 149 10.31 -11.47 -5.77
N VAL A 150 10.66 -11.65 -4.51
CA VAL A 150 10.77 -10.60 -3.55
C VAL A 150 11.96 -10.83 -2.66
N LYS A 151 12.62 -9.72 -2.32
CA LYS A 151 13.59 -9.69 -1.25
C LYS A 151 13.17 -8.67 -0.20
N VAL A 152 12.85 -9.22 0.98
CA VAL A 152 12.41 -8.34 2.05
C VAL A 152 13.65 -7.87 2.81
N GLU A 153 13.66 -6.57 3.03
CA GLU A 153 14.82 -5.90 3.68
C GLU A 153 14.52 -5.76 5.16
N GLY A 154 13.35 -5.29 5.56
CA GLY A 154 13.01 -5.14 6.98
C GLY A 154 12.07 -3.96 7.24
N TRP A 155 11.51 -4.00 8.46
CA TRP A 155 10.57 -3.00 8.97
C TRP A 155 11.31 -1.75 9.41
N GLU A 156 10.79 -0.59 9.08
CA GLU A 156 11.30 0.70 9.51
C GLU A 156 10.15 1.56 9.97
N ASN A 157 10.51 2.66 10.68
CA ASN A 157 9.59 3.47 11.42
C ASN A 157 8.79 4.46 10.61
N ALA A 158 7.94 5.21 11.33
CA ALA A 158 7.06 6.17 10.69
C ALA A 158 7.81 7.27 9.95
N GLU A 159 8.95 7.67 10.57
CA GLU A 159 9.73 8.69 9.92
C GLU A 159 10.30 8.18 8.59
N ALA A 160 10.70 6.91 8.57
CA ALA A 160 11.15 6.30 7.30
C ALA A 160 10.01 6.21 6.31
N ALA A 161 8.83 5.88 6.78
CA ALA A 161 7.64 5.81 5.91
C ALA A 161 7.33 7.17 5.30
N LYS A 162 7.38 8.21 6.16
CA LYS A 162 7.12 9.55 5.64
C LYS A 162 8.17 9.97 4.61
N ALA A 163 9.45 9.63 4.82
CA ALA A 163 10.51 9.95 3.82
C ALA A 163 10.23 9.22 2.50
N GLU A 164 9.76 7.96 2.59
CA GLU A 164 9.41 7.23 1.39
C GLU A 164 8.26 7.92 0.64
N ILE A 165 7.27 8.38 1.36
CA ILE A 165 6.15 9.11 0.74
C ILE A 165 6.63 10.36 0.02
N VAL A 166 7.47 11.15 0.69
CA VAL A 166 8.02 12.34 0.04
C VAL A 166 8.80 12.00 -1.23
N ALA A 167 9.68 11.00 -1.10
CA ALA A 167 10.51 10.60 -2.25
C ALA A 167 9.64 10.17 -3.44
N SER A 168 8.58 9.40 -3.12
CA SER A 168 7.75 8.86 -4.18
C SER A 168 6.91 9.95 -4.83
N PHE A 169 6.45 10.96 -4.09
CA PHE A 169 5.73 12.11 -4.60
C PHE A 169 6.62 12.91 -5.52
N GLU A 170 7.89 13.12 -5.10
CA GLU A 170 8.86 13.84 -5.93
C GLU A 170 9.15 13.09 -7.21
N ARG A 171 9.27 11.79 -7.17
CA ARG A 171 9.58 11.01 -8.34
C ARG A 171 8.49 11.21 -9.37
N ALA A 172 7.21 11.25 -8.95
CA ALA A 172 6.13 11.41 -9.89
C ALA A 172 6.09 12.80 -10.50
N LYS A 173 6.41 13.82 -9.71
CA LYS A 173 6.44 15.21 -9.98
C LYS A 173 7.48 15.36 -11.09
N ASN A 174 8.56 14.58 -10.95
CA ASN A 174 9.82 14.80 -11.66
C ASN A 174 10.16 13.98 -12.87
N LYS A 175 9.29 13.07 -13.27
CA LYS A 175 9.56 12.29 -14.49
C LYS A 175 8.38 11.34 -14.64
P PO4 B . 2.66 -3.51 -6.90
O1 PO4 B . 2.40 -4.39 -8.08
O2 PO4 B . 1.48 -3.53 -5.93
O3 PO4 B . 4.01 -3.82 -6.24
O4 PO4 B . 2.84 -2.11 -7.38
MN MN C . 4.71 -1.72 -6.21
MN MN D . 1.03 -1.27 -6.43
MN MN E . 5.53 -5.38 -6.44
MN MN F . 2.19 -5.34 -10.07
MN MN F . 2.19 -4.30 -10.26
MN MN G . -10.62 -15.75 2.14
NA NA H . 8.46 -16.72 -8.35
NA NA I . -12.88 -16.68 1.93
CL CL J . 4.95 -6.77 -4.45
CL CL K . -1.31 16.08 -2.54
CL CL K . -1.66 15.67 -5.17
CL CL L . 8.38 -9.11 10.70
F F M . 3.05 -1.34 -7.51
P1 POP N . 2.90 -6.99 -7.32
O1 POP N . 4.36 -6.76 -7.46
O2 POP N . 2.47 -8.12 -6.40
O3 POP N . 2.15 -6.98 -8.64
O POP N . 2.38 -5.66 -6.53
P2 POP N . 2.60 -4.05 -6.93
O4 POP N . 4.07 -3.81 -6.53
O5 POP N . 1.55 -3.36 -6.15
O6 POP N . 2.33 -4.23 -8.39
#